data_9PUA
#
_entry.id   9PUA
#
_cell.length_a   46.688
_cell.length_b   94.415
_cell.length_c   105.140
_cell.angle_alpha   90.000
_cell.angle_beta   90.000
_cell.angle_gamma   90.000
#
_symmetry.space_group_name_H-M   'I 2 2 2'
#
loop_
_entity.id
_entity.type
_entity.pdbx_description
1 polymer Streptavidin
2 non-polymer '5-[(3aR,4R,6aS)-2-oxohexahydro-1H-thieno[3,4-d]imidazol-4-yl]pentanoic acid'
3 non-polymer GLYCEROL
4 water water
#
_entity_poly.entity_id   1
_entity_poly.type   'polypeptide(L)'
_entity_poly.pdbx_seq_one_letter_code
;AEAGITGTWYNQLGSTFIVTAGADGALTGTYESAVGNAESRYVLTGRYDSAPATDGSGTALGWTVAWKNNYRNAHSATTW
SGQYVGGAEARINTQWLLTSGTTEANAWKSTLVGHDTFTKVKPSAAS
;
_entity_poly.pdbx_strand_id   J,L
#
# COMPACT_ATOMS: atom_id res chain seq x y z
N GLU A 2 -2.50 -18.44 0.04
CA GLU A 2 -1.25 -18.40 -0.63
C GLU A 2 -0.20 -18.58 0.44
N ALA A 3 0.33 -19.77 0.32
CA ALA A 3 1.15 -20.30 1.37
C ALA A 3 2.49 -19.59 1.52
N GLY A 4 3.00 -19.21 0.34
CA GLY A 4 4.25 -18.57 0.19
C GLY A 4 4.29 -17.31 1.02
N ILE A 5 3.37 -16.39 0.73
CA ILE A 5 3.34 -15.08 1.42
C ILE A 5 2.89 -15.21 2.86
N THR A 6 1.88 -16.04 3.13
CA THR A 6 1.32 -16.13 4.46
C THR A 6 2.41 -16.54 5.49
N GLY A 7 2.49 -15.80 6.58
CA GLY A 7 3.45 -16.12 7.64
C GLY A 7 3.94 -14.88 8.35
N THR A 8 5.05 -15.08 9.08
CA THR A 8 5.74 -14.04 9.84
C THR A 8 7.04 -13.67 9.16
N TRP A 9 7.31 -12.36 9.10
CA TRP A 9 8.43 -11.81 8.39
C TRP A 9 9.09 -10.76 9.27
N TYR A 10 10.42 -10.69 9.38
N TYR A 10 10.43 -10.50 8.89
CA TYR A 10 11.07 -9.54 10.01
CA TYR A 10 11.15 -9.42 9.53
C TYR A 10 11.85 -8.77 8.93
C TYR A 10 12.00 -8.67 8.58
N ASN A 11 12.11 -7.39 8.99
CA ASN A 11 12.97 -6.60 8.13
C ASN A 11 14.31 -6.26 8.79
N GLN A 12 15.15 -5.56 8.06
CA GLN A 12 16.47 -5.28 8.51
C GLN A 12 16.55 -4.32 9.69
N LEU A 13 15.48 -3.61 10.00
CA LEU A 13 15.39 -2.75 11.18
C LEU A 13 14.94 -3.52 12.44
N GLY A 14 14.49 -4.77 12.27
CA GLY A 14 13.90 -5.51 13.37
C GLY A 14 12.41 -5.36 13.52
N SER A 15 11.74 -4.78 12.53
CA SER A 15 10.27 -4.74 12.54
C SER A 15 9.69 -6.12 12.14
N THR A 16 8.48 -6.36 12.42
N THR A 16 8.45 -6.39 12.77
CA THR A 16 7.98 -7.64 12.08
CA THR A 16 7.50 -7.57 12.72
C THR A 16 6.62 -7.42 11.43
C THR A 16 6.26 -7.41 11.86
N PHE A 17 6.30 -8.30 10.50
N PHE A 17 6.15 -8.24 10.83
CA PHE A 17 5.14 -8.22 9.60
CA PHE A 17 4.74 -8.37 10.42
C PHE A 17 4.47 -9.59 9.63
C PHE A 17 4.30 -9.80 10.27
N ILE A 18 3.23 -9.64 10.11
N ILE A 18 2.99 -10.00 10.52
CA ILE A 18 2.46 -10.86 10.19
CA ILE A 18 2.27 -11.27 10.35
C ILE A 18 1.35 -10.75 9.15
C ILE A 18 1.17 -11.00 9.35
N VAL A 19 1.21 -11.74 8.24
CA VAL A 19 0.30 -11.53 7.11
C VAL A 19 -0.36 -12.86 6.71
N THR A 20 -1.58 -12.73 6.18
N THR A 20 -1.65 -12.80 6.37
CA THR A 20 -2.31 -13.84 5.63
CA THR A 20 -2.27 -13.83 5.58
C THR A 20 -2.76 -13.42 4.21
C THR A 20 -2.58 -13.29 4.16
N ALA A 21 -2.41 -14.22 3.22
CA ALA A 21 -2.73 -13.99 1.80
C ALA A 21 -3.99 -14.81 1.46
N GLY A 22 -5.05 -14.13 1.08
CA GLY A 22 -6.32 -14.81 0.78
C GLY A 22 -6.44 -15.19 -0.70
N ALA A 23 -7.32 -16.13 -1.01
CA ALA A 23 -7.51 -16.61 -2.36
C ALA A 23 -7.93 -15.51 -3.35
N ASP A 24 -8.61 -14.48 -2.85
CA ASP A 24 -9.10 -13.40 -3.63
C ASP A 24 -8.08 -12.27 -3.91
N GLY A 25 -6.79 -12.44 -3.48
CA GLY A 25 -5.81 -11.41 -3.65
C GLY A 25 -5.62 -10.48 -2.44
N ALA A 26 -6.33 -10.74 -1.34
CA ALA A 26 -6.25 -9.87 -0.17
C ALA A 26 -4.99 -10.19 0.66
N LEU A 27 -4.40 -9.17 1.23
CA LEU A 27 -3.42 -9.27 2.34
C LEU A 27 -4.04 -8.64 3.58
N THR A 28 -4.01 -9.37 4.70
N THR A 28 -3.96 -9.32 4.74
CA THR A 28 -4.43 -8.84 6.00
CA THR A 28 -4.48 -8.81 6.00
C THR A 28 -3.35 -9.16 7.02
C THR A 28 -3.58 -9.29 7.14
N GLY A 29 -3.27 -8.43 8.10
CA GLY A 29 -2.38 -8.80 9.20
C GLY A 29 -2.08 -7.63 10.09
N THR A 30 -0.90 -7.72 10.74
CA THR A 30 -0.48 -6.70 11.66
C THR A 30 1.02 -6.42 11.45
N TYR A 31 1.40 -5.20 11.79
CA TYR A 31 2.78 -4.72 11.65
C TYR A 31 3.25 -4.13 12.97
N GLU A 32 4.48 -4.46 13.39
CA GLU A 32 5.11 -3.87 14.60
C GLU A 32 6.40 -3.23 14.15
N SER A 33 6.49 -1.88 14.28
CA SER A 33 7.68 -1.20 13.80
C SER A 33 8.72 -1.05 14.91
N ALA A 34 9.97 -1.34 14.55
CA ALA A 34 11.12 -1.13 15.43
C ALA A 34 11.55 0.35 15.51
N VAL A 35 11.08 1.17 14.61
CA VAL A 35 11.51 2.56 14.48
C VAL A 35 10.32 3.51 14.43
N GLY A 36 10.60 4.78 14.72
CA GLY A 36 9.63 5.81 14.56
C GLY A 36 8.63 5.95 15.71
N ASN A 37 7.61 6.74 15.45
CA ASN A 37 6.60 7.12 16.47
C ASN A 37 5.52 6.00 16.47
N ALA A 38 5.89 4.88 17.05
CA ALA A 38 5.12 3.64 16.94
C ALA A 38 5.34 2.76 18.18
N GLU A 39 4.30 2.08 18.60
CA GLU A 39 4.39 1.07 19.65
C GLU A 39 3.31 0.02 19.42
N SER A 40 3.62 -1.20 19.77
CA SER A 40 2.66 -2.30 19.63
C SER A 40 2.31 -2.55 18.14
N ARG A 41 1.23 -3.30 17.93
CA ARG A 41 0.83 -3.75 16.57
C ARG A 41 -0.16 -2.78 15.94
N TYR A 42 -0.07 -2.68 14.59
CA TYR A 42 -0.95 -1.87 13.82
C TYR A 42 -1.59 -2.73 12.72
N VAL A 43 -2.83 -2.41 12.35
CA VAL A 43 -3.50 -3.12 11.27
C VAL A 43 -2.81 -2.85 9.95
N LEU A 44 -2.67 -3.89 9.12
CA LEU A 44 -2.31 -3.66 7.73
C LEU A 44 -3.29 -4.33 6.81
N THR A 45 -3.67 -3.67 5.70
N THR A 45 -3.21 -3.82 5.59
CA THR A 45 -4.30 -4.34 4.56
CA THR A 45 -4.14 -4.31 4.57
C THR A 45 -3.48 -4.12 3.27
C THR A 45 -3.51 -4.06 3.23
N GLY A 46 -3.65 -5.02 2.29
CA GLY A 46 -3.02 -4.86 0.98
C GLY A 46 -3.58 -5.85 -0.02
N ARG A 47 -2.86 -5.95 -1.14
CA ARG A 47 -3.27 -6.80 -2.27
C ARG A 47 -2.00 -7.45 -2.86
N TYR A 48 -2.20 -8.61 -3.50
CA TYR A 48 -1.11 -9.28 -4.21
C TYR A 48 -1.67 -9.91 -5.48
N ASP A 49 -0.79 -10.19 -6.43
CA ASP A 49 -1.18 -10.89 -7.66
C ASP A 49 -1.36 -12.39 -7.29
N SER A 50 -2.62 -12.85 -7.30
CA SER A 50 -2.97 -14.20 -6.94
C SER A 50 -2.79 -15.21 -8.06
N ALA A 51 -2.38 -14.78 -9.26
CA ALA A 51 -2.12 -15.72 -10.37
C ALA A 51 -0.87 -15.24 -11.09
N PRO A 52 0.30 -15.28 -10.43
CA PRO A 52 1.51 -14.71 -10.92
C PRO A 52 2.02 -15.46 -12.03
N ALA A 53 3.02 -14.88 -12.70
N ALA A 53 2.84 -14.76 -12.79
CA ALA A 53 3.72 -15.62 -13.73
CA ALA A 53 3.32 -15.15 -14.10
C ALA A 53 4.46 -16.78 -13.11
C ALA A 53 3.99 -16.52 -14.05
N THR A 54 4.70 -17.77 -13.90
N THR A 54 5.27 -16.61 -13.73
CA THR A 54 5.39 -19.02 -13.52
CA THR A 54 5.92 -17.91 -13.54
C THR A 54 6.76 -19.14 -14.19
C THR A 54 6.72 -17.80 -12.22
N ASP A 55 7.24 -17.98 -14.71
N ASP A 55 7.33 -18.86 -11.77
CA ASP A 55 8.39 -17.91 -15.60
CA ASP A 55 8.19 -18.80 -10.58
C ASP A 55 9.68 -17.52 -14.86
C ASP A 55 9.49 -18.07 -10.89
N GLY A 56 9.72 -17.54 -13.52
N GLY A 56 9.79 -17.80 -12.18
CA GLY A 56 10.87 -17.09 -12.73
CA GLY A 56 10.95 -17.03 -12.54
C GLY A 56 10.91 -15.59 -12.42
C GLY A 56 10.74 -15.62 -12.02
N SER A 57 9.69 -14.98 -12.37
CA SER A 57 9.40 -13.63 -11.92
C SER A 57 8.90 -13.66 -10.46
N GLY A 58 9.10 -12.55 -9.74
CA GLY A 58 8.46 -12.39 -8.43
C GLY A 58 6.97 -12.12 -8.55
N THR A 59 6.31 -12.16 -7.39
CA THR A 59 4.86 -11.91 -7.29
C THR A 59 4.65 -10.47 -6.77
N ALA A 60 4.04 -9.64 -7.57
CA ALA A 60 3.84 -8.22 -7.17
C ALA A 60 2.83 -8.12 -6.02
N LEU A 61 3.13 -7.27 -5.01
N LEU A 61 3.09 -7.10 -5.21
CA LEU A 61 2.22 -7.06 -3.84
CA LEU A 61 2.22 -6.89 -4.05
C LEU A 61 2.50 -5.65 -3.28
C LEU A 61 2.42 -5.47 -3.49
N GLY A 62 1.51 -5.17 -2.52
CA GLY A 62 1.70 -3.94 -1.71
C GLY A 62 0.78 -3.97 -0.52
N TRP A 63 1.12 -3.14 0.48
CA TRP A 63 0.23 -3.01 1.63
C TRP A 63 0.44 -1.62 2.27
N THR A 64 -0.53 -1.29 3.14
CA THR A 64 -0.56 0.00 3.86
C THR A 64 -0.72 -0.26 5.37
N VAL A 65 -0.04 0.58 6.15
CA VAL A 65 -0.31 0.76 7.59
C VAL A 65 -0.57 2.26 7.83
N ALA A 66 -1.70 2.59 8.47
CA ALA A 66 -1.86 3.94 9.08
C ALA A 66 -1.40 3.81 10.55
N TRP A 67 -0.55 4.72 11.00
CA TRP A 67 0.14 4.57 12.30
C TRP A 67 -0.72 5.11 13.48
N LYS A 68 -1.94 4.58 13.53
CA LYS A 68 -2.87 4.78 14.61
C LYS A 68 -3.29 3.40 15.08
N ASN A 69 -3.16 3.19 16.41
CA ASN A 69 -3.73 1.97 17.05
C ASN A 69 -4.35 2.45 18.38
N ASN A 70 -4.96 1.54 19.12
N ASN A 70 -4.30 1.56 19.48
CA ASN A 70 -5.63 2.00 20.32
CA ASN A 70 -4.71 1.95 20.86
C ASN A 70 -4.66 2.50 21.42
C ASN A 70 -3.54 2.25 21.84
N TYR A 71 -3.36 2.69 21.09
N TYR A 71 -2.33 2.48 21.35
CA TYR A 71 -2.37 3.12 22.08
CA TYR A 71 -1.14 2.89 22.10
C TYR A 71 -1.72 4.42 21.66
C TYR A 71 -0.98 4.34 21.62
N ARG A 72 -1.51 4.72 20.36
CA ARG A 72 -0.70 5.84 19.83
C ARG A 72 -1.14 6.23 18.46
N ASN A 73 -0.98 7.49 18.13
CA ASN A 73 -1.32 7.99 16.79
C ASN A 73 -0.23 8.96 16.32
N ALA A 74 0.49 8.56 15.25
CA ALA A 74 1.57 9.39 14.69
C ALA A 74 1.05 10.32 13.56
N HIS A 75 -0.23 10.23 13.19
CA HIS A 75 -0.77 11.03 12.09
C HIS A 75 0.06 10.85 10.81
N SER A 76 0.32 9.57 10.48
N SER A 76 0.19 9.58 10.40
CA SER A 76 1.08 9.20 9.30
CA SER A 76 1.05 9.22 9.27
C SER A 76 0.60 7.87 8.76
C SER A 76 0.63 7.84 8.76
N ALA A 77 1.10 7.51 7.57
CA ALA A 77 0.80 6.20 6.94
C ALA A 77 1.97 5.81 6.04
N THR A 78 2.26 4.51 6.00
CA THR A 78 3.30 3.96 5.08
C THR A 78 2.64 3.01 4.11
N THR A 79 3.07 3.08 2.85
CA THR A 79 2.79 2.04 1.89
C THR A 79 4.11 1.39 1.43
N TRP A 80 4.04 0.04 1.32
CA TRP A 80 5.18 -0.74 0.75
C TRP A 80 4.69 -1.33 -0.57
N SER A 81 5.52 -1.22 -1.59
N SER A 81 5.48 -1.10 -1.66
CA SER A 81 5.29 -1.75 -2.95
CA SER A 81 5.30 -1.71 -2.99
C SER A 81 6.47 -2.65 -3.27
C SER A 81 6.46 -2.67 -3.18
N GLY A 82 6.22 -3.89 -3.70
CA GLY A 82 7.40 -4.75 -3.95
C GLY A 82 6.96 -6.09 -4.55
N GLN A 83 7.86 -7.06 -4.33
CA GLN A 83 7.58 -8.40 -4.88
C GLN A 83 8.08 -9.44 -3.90
N TYR A 84 7.31 -10.54 -3.89
CA TYR A 84 7.63 -11.78 -3.16
C TYR A 84 8.45 -12.69 -4.11
N VAL A 85 9.55 -13.17 -3.55
CA VAL A 85 10.46 -14.10 -4.24
C VAL A 85 10.45 -15.37 -3.43
N GLY A 86 9.85 -16.45 -3.94
CA GLY A 86 9.68 -17.71 -3.25
C GLY A 86 10.94 -18.56 -3.23
N GLY A 87 10.69 -19.75 -2.73
CA GLY A 87 11.75 -20.72 -2.51
C GLY A 87 12.06 -20.96 -1.03
N ALA A 88 13.15 -21.70 -0.79
CA ALA A 88 13.61 -22.05 0.54
C ALA A 88 14.01 -20.81 1.37
N GLU A 89 14.59 -19.77 0.71
CA GLU A 89 14.96 -18.52 1.39
C GLU A 89 14.12 -17.39 0.86
N ALA A 90 12.84 -17.46 1.24
CA ALA A 90 11.84 -16.55 0.69
C ALA A 90 12.08 -15.12 1.20
N ARG A 91 11.85 -14.17 0.31
CA ARG A 91 12.08 -12.73 0.60
C ARG A 91 10.92 -11.93 0.04
N ILE A 92 10.65 -10.79 0.68
CA ILE A 92 9.80 -9.77 0.11
C ILE A 92 10.66 -8.50 0.04
N ASN A 93 10.90 -8.03 -1.21
CA ASN A 93 11.76 -6.87 -1.45
C ASN A 93 10.87 -5.69 -1.79
N THR A 94 11.01 -4.58 -1.04
CA THR A 94 10.09 -3.48 -1.13
C THR A 94 10.78 -2.13 -1.23
N GLN A 95 10.03 -1.15 -1.71
N GLN A 95 10.06 -1.20 -1.88
CA GLN A 95 10.34 0.28 -1.49
CA GLN A 95 10.18 0.27 -1.71
C GLN A 95 9.05 0.84 -0.86
C GLN A 95 9.01 0.76 -0.81
N TRP A 96 9.23 1.87 -0.04
CA TRP A 96 8.09 2.38 0.74
C TRP A 96 8.09 3.91 0.70
N LEU A 97 6.87 4.41 0.98
CA LEU A 97 6.59 5.86 1.12
C LEU A 97 5.87 6.09 2.43
N LEU A 98 6.39 6.96 3.30
N LEU A 98 6.44 6.94 3.26
CA LEU A 98 5.79 7.32 4.59
CA LEU A 98 5.77 7.30 4.48
C LEU A 98 5.34 8.77 4.52
C LEU A 98 5.34 8.74 4.30
N THR A 99 4.00 8.97 4.45
CA THR A 99 3.46 10.33 4.40
C THR A 99 2.90 10.70 5.77
N SER A 100 3.35 11.87 6.28
CA SER A 100 2.80 12.46 7.48
C SER A 100 1.79 13.49 7.14
N GLY A 101 0.69 13.62 7.92
CA GLY A 101 -0.22 14.74 7.74
C GLY A 101 0.52 16.05 8.04
N THR A 102 0.36 17.05 7.19
CA THR A 102 1.06 18.33 7.35
C THR A 102 0.10 19.44 7.01
N THR A 103 0.46 20.68 7.40
CA THR A 103 -0.18 21.83 6.84
C THR A 103 0.16 21.96 5.36
N GLU A 104 -0.60 22.77 4.64
CA GLU A 104 -0.28 22.99 3.23
C GLU A 104 1.12 23.58 3.00
N ALA A 105 1.54 24.51 3.86
CA ALA A 105 2.82 25.13 3.72
C ALA A 105 3.97 24.17 3.94
N ASN A 106 3.71 23.08 4.68
CA ASN A 106 4.72 22.08 5.00
C ASN A 106 4.61 20.78 4.14
N ALA A 107 3.74 20.82 3.14
CA ALA A 107 3.49 19.57 2.39
C ALA A 107 4.69 19.15 1.61
N TRP A 108 5.61 20.04 1.26
CA TRP A 108 6.77 19.68 0.53
C TRP A 108 7.63 18.69 1.30
N LYS A 109 7.56 18.69 2.67
CA LYS A 109 8.35 17.84 3.51
C LYS A 109 7.52 16.72 4.17
N SER A 110 6.42 16.34 3.52
CA SER A 110 5.49 15.34 4.07
C SER A 110 5.91 13.89 3.88
N THR A 111 6.76 13.58 2.91
CA THR A 111 6.90 12.17 2.46
C THR A 111 8.36 11.70 2.49
N LEU A 112 8.62 10.68 3.27
CA LEU A 112 9.91 9.98 3.30
C LEU A 112 9.84 8.75 2.37
N VAL A 113 11.00 8.38 1.80
CA VAL A 113 11.11 7.18 0.96
C VAL A 113 12.25 6.33 1.46
N GLY A 114 12.08 4.99 1.31
CA GLY A 114 13.11 4.09 1.68
C GLY A 114 12.86 2.69 1.09
N HIS A 115 13.59 1.73 1.61
CA HIS A 115 13.50 0.34 1.12
C HIS A 115 13.67 -0.61 2.27
N ASP A 116 12.81 -1.64 2.29
CA ASP A 116 12.86 -2.69 3.33
C ASP A 116 12.93 -4.09 2.63
N THR A 117 13.80 -4.98 3.06
N THR A 117 13.73 -4.91 3.30
CA THR A 117 13.76 -6.37 2.59
CA THR A 117 13.90 -6.33 2.91
C THR A 117 13.42 -7.26 3.78
C THR A 117 13.29 -7.21 4.02
N PHE A 118 12.37 -8.08 3.60
CA PHE A 118 11.79 -8.93 4.62
C PHE A 118 12.23 -10.38 4.37
N THR A 119 12.57 -11.06 5.50
CA THR A 119 12.97 -12.46 5.54
C THR A 119 11.88 -13.22 6.28
N LYS A 120 11.49 -14.37 5.72
CA LYS A 120 10.42 -15.18 6.35
C LYS A 120 10.98 -16.03 7.49
N VAL A 121 10.20 -16.23 8.63
N VAL A 121 10.27 -15.92 8.54
CA VAL A 121 10.55 -17.05 9.86
CA VAL A 121 10.59 -16.77 9.61
C VAL A 121 9.47 -18.10 10.24
C VAL A 121 10.08 -18.15 9.24
N LYS A 122 9.90 -19.13 10.98
N LYS A 122 10.84 -19.18 9.50
CA LYS A 122 9.58 -20.53 10.74
CA LYS A 122 10.24 -20.51 9.41
C LYS A 122 8.58 -20.92 11.81
C LYS A 122 9.17 -20.69 10.51
N PRO A 123 7.30 -21.15 11.43
N PRO A 123 8.00 -21.29 10.20
CA PRO A 123 6.20 -21.25 12.38
CA PRO A 123 6.98 -21.55 11.21
C PRO A 123 6.28 -22.54 13.23
C PRO A 123 7.34 -22.73 12.10
N ALA B 3 -16.91 16.76 1.68
CA ALA B 3 -17.58 16.20 2.88
C ALA B 3 -16.93 14.91 3.39
N GLY B 4 -15.70 14.62 2.95
CA GLY B 4 -14.89 13.54 3.50
C GLY B 4 -14.18 12.71 2.42
N ILE B 5 -13.43 11.72 2.89
CA ILE B 5 -12.71 10.81 1.98
C ILE B 5 -13.65 9.95 1.15
N THR B 6 -14.75 9.47 1.76
CA THR B 6 -15.66 8.62 1.02
C THR B 6 -16.21 9.35 -0.20
N GLY B 7 -16.21 8.70 -1.35
CA GLY B 7 -16.77 9.27 -2.57
C GLY B 7 -16.07 8.75 -3.81
N THR B 8 -16.38 9.46 -4.91
CA THR B 8 -15.79 9.16 -6.22
C THR B 8 -14.84 10.30 -6.58
N TRP B 9 -13.58 9.91 -6.85
CA TRP B 9 -12.48 10.81 -7.12
C TRP B 9 -11.92 10.51 -8.49
N TYR B 10 -11.24 11.53 -9.07
CA TYR B 10 -10.63 11.43 -10.38
C TYR B 10 -9.25 12.03 -10.31
N ASN B 11 -8.23 11.38 -10.93
CA ASN B 11 -6.89 11.99 -10.94
C ASN B 11 -6.70 12.78 -12.24
N GLN B 12 -5.47 13.31 -12.36
CA GLN B 12 -5.14 14.21 -13.47
C GLN B 12 -5.11 13.49 -14.82
N LEU B 13 -5.07 12.17 -14.84
CA LEU B 13 -5.11 11.34 -16.04
C LEU B 13 -6.57 10.92 -16.40
N GLY B 14 -7.51 11.17 -15.51
CA GLY B 14 -8.88 10.73 -15.70
C GLY B 14 -9.22 9.35 -15.12
N SER B 15 -8.30 8.76 -14.38
CA SER B 15 -8.60 7.51 -13.64
C SER B 15 -9.66 7.77 -12.57
N THR B 16 -10.47 6.74 -12.28
CA THR B 16 -11.60 6.85 -11.35
C THR B 16 -11.36 6.01 -10.09
N PHE B 17 -11.38 6.64 -8.95
CA PHE B 17 -11.10 6.04 -7.62
C PHE B 17 -12.34 6.16 -6.77
N ILE B 18 -13.04 5.02 -6.53
CA ILE B 18 -14.28 5.01 -5.77
C ILE B 18 -13.95 4.36 -4.43
N VAL B 19 -14.18 5.08 -3.32
CA VAL B 19 -13.67 4.61 -2.01
C VAL B 19 -14.72 4.89 -0.93
N THR B 20 -14.69 3.98 0.07
N THR B 20 -14.67 4.00 0.05
CA THR B 20 -15.40 4.15 1.32
CA THR B 20 -15.36 4.15 1.30
C THR B 20 -14.39 4.13 2.47
C THR B 20 -14.28 4.21 2.38
N ALA B 21 -14.47 5.16 3.33
CA ALA B 21 -13.62 5.29 4.51
C ALA B 21 -14.42 4.78 5.71
N GLY B 22 -14.01 3.65 6.24
CA GLY B 22 -14.66 3.10 7.43
C GLY B 22 -14.27 3.90 8.67
N ALA B 23 -15.13 3.82 9.71
CA ALA B 23 -14.97 4.66 10.89
C ALA B 23 -13.64 4.52 11.61
N ASP B 24 -13.09 3.28 11.58
CA ASP B 24 -11.88 2.99 12.35
C ASP B 24 -10.59 2.87 11.50
N GLY B 25 -10.63 3.38 10.26
CA GLY B 25 -9.43 3.52 9.50
C GLY B 25 -9.32 2.72 8.20
N ALA B 26 -10.35 1.92 7.86
CA ALA B 26 -10.25 1.15 6.61
C ALA B 26 -10.57 2.02 5.41
N LEU B 27 -9.87 1.73 4.29
CA LEU B 27 -10.26 2.19 2.94
C LEU B 27 -10.60 0.96 2.11
N THR B 28 -11.76 0.99 1.43
N THR B 28 -11.72 1.02 1.40
CA THR B 28 -12.23 -0.14 0.64
CA THR B 28 -12.02 -0.04 0.48
C THR B 28 -12.89 0.43 -0.64
C THR B 28 -12.63 0.62 -0.74
N GLY B 29 -12.49 -0.05 -1.84
CA GLY B 29 -13.14 0.46 -3.03
C GLY B 29 -12.62 -0.18 -4.31
N THR B 30 -12.76 0.61 -5.39
CA THR B 30 -12.32 0.17 -6.70
C THR B 30 -11.55 1.29 -7.40
N TYR B 31 -10.70 0.85 -8.34
CA TYR B 31 -9.91 1.78 -9.15
C TYR B 31 -10.02 1.40 -10.61
N GLU B 32 -10.24 2.40 -11.47
CA GLU B 32 -10.27 2.17 -12.95
C GLU B 32 -9.21 3.11 -13.51
N SER B 33 -8.18 2.52 -14.13
CA SER B 33 -7.06 3.30 -14.61
C SER B 33 -7.26 3.73 -16.06
N ALA B 34 -6.99 5.03 -16.32
CA ALA B 34 -7.00 5.55 -17.69
C ALA B 34 -5.76 5.14 -18.49
N VAL B 35 -4.72 4.67 -17.83
CA VAL B 35 -3.40 4.38 -18.44
C VAL B 35 -2.95 2.98 -18.08
N GLY B 36 -2.04 2.46 -18.89
CA GLY B 36 -1.34 1.23 -18.58
C GLY B 36 -2.10 -0.02 -19.01
N ASN B 37 -1.60 -1.15 -18.55
CA ASN B 37 -2.15 -2.44 -18.94
C ASN B 37 -3.30 -2.81 -17.98
N ALA B 38 -4.42 -2.19 -18.26
CA ALA B 38 -5.57 -2.13 -17.33
C ALA B 38 -6.84 -1.95 -18.11
N GLU B 39 -7.92 -2.60 -17.68
CA GLU B 39 -9.26 -2.33 -18.19
C GLU B 39 -10.28 -2.58 -17.05
N SER B 40 -11.35 -1.81 -17.05
CA SER B 40 -12.40 -1.96 -16.06
C SER B 40 -11.90 -1.68 -14.62
N ARG B 41 -12.67 -2.14 -13.66
N ARG B 41 -12.64 -2.16 -13.64
CA ARG B 41 -12.38 -1.88 -12.23
CA ARG B 41 -12.35 -1.85 -12.23
C ARG B 41 -11.47 -2.93 -11.66
C ARG B 41 -11.59 -2.95 -11.55
N TYR B 42 -10.67 -2.52 -10.65
CA TYR B 42 -9.82 -3.37 -9.86
C TYR B 42 -10.11 -3.11 -8.38
N VAL B 43 -10.01 -4.16 -7.54
CA VAL B 43 -10.18 -4.02 -6.11
C VAL B 43 -9.03 -3.20 -5.51
N LEU B 44 -9.37 -2.33 -4.55
CA LEU B 44 -8.38 -1.64 -3.73
C LEU B 44 -8.73 -1.80 -2.28
N THR B 45 -7.63 -1.70 -1.45
N THR B 45 -7.65 -1.85 -1.44
CA THR B 45 -7.80 -1.70 0.01
CA THR B 45 -7.77 -1.61 0.00
C THR B 45 -6.69 -0.83 0.57
C THR B 45 -6.66 -0.71 0.51
N GLY B 46 -6.93 -0.12 1.66
CA GLY B 46 -5.92 0.73 2.29
C GLY B 46 -6.35 1.12 3.70
N ARG B 47 -5.64 2.14 4.21
CA ARG B 47 -5.84 2.61 5.58
C ARG B 47 -5.73 4.15 5.56
N TYR B 48 -6.38 4.78 6.57
CA TYR B 48 -6.22 6.24 6.74
C TYR B 48 -6.25 6.51 8.24
N ASP B 49 -5.75 7.71 8.62
CA ASP B 49 -5.79 8.21 10.00
C ASP B 49 -7.24 8.66 10.34
N SER B 50 -7.92 7.83 11.16
CA SER B 50 -9.31 8.06 11.53
C SER B 50 -9.45 9.01 12.71
N ALA B 51 -8.36 9.66 13.16
CA ALA B 51 -8.45 10.72 14.16
C ALA B 51 -7.33 11.71 13.87
N PRO B 52 -7.43 12.51 12.78
CA PRO B 52 -6.35 13.40 12.42
C PRO B 52 -6.18 14.52 13.41
N ALA B 53 -5.02 15.18 13.29
CA ALA B 53 -4.75 16.37 14.06
C ALA B 53 -5.83 17.42 13.82
N THR B 54 -5.96 18.34 14.77
CA THR B 54 -6.90 19.42 14.70
C THR B 54 -6.29 20.81 14.50
N ASP B 55 -5.12 20.86 13.86
CA ASP B 55 -4.29 22.02 13.70
C ASP B 55 -4.24 22.52 12.25
N GLY B 56 -5.07 22.00 11.38
CA GLY B 56 -5.00 22.34 9.97
C GLY B 56 -4.26 21.36 9.09
N SER B 57 -3.72 20.36 9.68
CA SER B 57 -2.98 19.32 8.93
C SER B 57 -3.91 18.43 8.11
N GLY B 58 -3.39 17.86 7.04
CA GLY B 58 -4.11 16.89 6.24
C GLY B 58 -4.20 15.53 6.98
N THR B 59 -4.97 14.64 6.37
CA THR B 59 -5.22 13.30 6.88
C THR B 59 -4.38 12.27 6.11
N ALA B 60 -3.44 11.64 6.79
CA ALA B 60 -2.56 10.68 6.11
C ALA B 60 -3.35 9.42 5.70
N LEU B 61 -3.06 8.86 4.50
N LEU B 61 -2.88 8.87 4.58
CA LEU B 61 -3.77 7.69 3.98
CA LEU B 61 -3.55 7.69 4.03
C LEU B 61 -2.86 6.99 2.94
C LEU B 61 -2.65 6.94 3.04
N GLY B 62 -3.15 5.72 2.67
CA GLY B 62 -2.52 5.00 1.57
C GLY B 62 -3.45 3.87 1.12
N TRP B 63 -3.21 3.39 -0.11
CA TRP B 63 -3.94 2.22 -0.57
C TRP B 63 -3.12 1.48 -1.67
N THR B 64 -3.60 0.25 -1.96
CA THR B 64 -2.94 -0.64 -2.92
C THR B 64 -4.00 -1.18 -3.90
N VAL B 65 -3.56 -1.32 -5.17
CA VAL B 65 -4.24 -2.12 -6.17
C VAL B 65 -3.22 -3.15 -6.75
N ALA B 66 -3.64 -4.42 -6.81
CA ALA B 66 -2.92 -5.41 -7.65
C ALA B 66 -3.68 -5.47 -8.97
N TRP B 67 -2.97 -5.39 -10.09
CA TRP B 67 -3.60 -5.18 -11.43
C TRP B 67 -4.03 -6.52 -12.07
N LYS B 68 -4.85 -7.25 -11.32
CA LYS B 68 -5.51 -8.49 -11.77
C LYS B 68 -7.01 -8.30 -11.54
N ASN B 69 -7.79 -8.59 -12.57
CA ASN B 69 -9.26 -8.66 -12.43
C ASN B 69 -9.73 -9.74 -13.40
N ASN B 70 -11.04 -9.79 -13.71
CA ASN B 70 -11.58 -10.83 -14.58
C ASN B 70 -11.18 -10.64 -16.03
N TYR B 71 -10.63 -9.50 -16.42
CA TYR B 71 -10.34 -9.15 -17.78
C TYR B 71 -8.84 -9.26 -18.15
N ARG B 72 -7.96 -8.96 -17.18
CA ARG B 72 -6.53 -8.81 -17.49
C ARG B 72 -5.74 -9.08 -16.19
N ASN B 73 -4.48 -9.43 -16.38
CA ASN B 73 -3.52 -9.50 -15.28
C ASN B 73 -2.19 -8.97 -15.75
N ALA B 74 -1.79 -7.80 -15.25
CA ALA B 74 -0.54 -7.15 -15.63
C ALA B 74 0.66 -7.60 -14.79
N HIS B 75 0.43 -8.46 -13.78
CA HIS B 75 1.48 -8.97 -12.90
C HIS B 75 2.26 -7.80 -12.27
N SER B 76 1.49 -6.91 -11.63
N SER B 76 1.46 -6.89 -11.69
CA SER B 76 2.04 -5.65 -11.08
CA SER B 76 1.95 -5.65 -11.09
C SER B 76 1.08 -5.16 -9.99
C SER B 76 1.01 -5.15 -9.98
N ALA B 77 1.58 -4.22 -9.20
CA ALA B 77 0.77 -3.63 -8.11
C ALA B 77 1.23 -2.17 -7.92
N THR B 78 0.28 -1.30 -7.58
CA THR B 78 0.61 0.09 -7.23
C THR B 78 0.17 0.37 -5.83
N THR B 79 1.01 1.15 -5.11
CA THR B 79 0.60 1.75 -3.84
C THR B 79 0.65 3.28 -4.01
N TRP B 80 -0.34 3.94 -3.39
CA TRP B 80 -0.40 5.40 -3.28
C TRP B 80 -0.30 5.76 -1.81
N SER B 81 0.56 6.77 -1.51
N SER B 81 0.63 6.70 -1.46
CA SER B 81 0.76 7.26 -0.16
CA SER B 81 0.78 7.27 -0.12
C SER B 81 0.58 8.78 -0.19
C SER B 81 0.49 8.75 -0.25
N GLY B 82 -0.28 9.34 0.71
CA GLY B 82 -0.48 10.76 0.61
C GLY B 82 -1.36 11.29 1.72
N GLN B 83 -2.02 12.41 1.42
CA GLN B 83 -2.89 13.04 2.44
C GLN B 83 -4.12 13.61 1.76
N TYR B 84 -5.25 13.53 2.49
CA TYR B 84 -6.49 14.18 2.17
C TYR B 84 -6.48 15.57 2.79
N VAL B 85 -6.88 16.53 1.98
CA VAL B 85 -6.98 17.95 2.35
C VAL B 85 -8.39 18.38 2.13
N GLY B 86 -9.15 18.65 3.19
CA GLY B 86 -10.52 19.04 3.10
C GLY B 86 -10.61 20.50 2.70
N GLY B 87 -11.77 20.88 2.36
CA GLY B 87 -12.00 22.28 1.98
C GLY B 87 -13.05 22.35 0.90
N ALA B 88 -13.30 23.53 0.37
CA ALA B 88 -14.31 23.62 -0.67
C ALA B 88 -14.01 22.82 -1.97
N GLU B 89 -12.73 22.66 -2.29
CA GLU B 89 -12.40 21.72 -3.34
C GLU B 89 -11.51 20.68 -2.69
N ALA B 90 -12.09 19.67 -2.09
CA ALA B 90 -11.31 18.66 -1.40
C ALA B 90 -10.31 18.02 -2.39
N ARG B 91 -9.18 17.58 -1.85
CA ARG B 91 -8.12 17.02 -2.69
C ARG B 91 -7.44 15.89 -1.93
N ILE B 92 -6.98 14.88 -2.71
CA ILE B 92 -6.07 13.89 -2.18
C ILE B 92 -4.78 13.97 -3.01
N ASN B 93 -3.67 14.33 -2.30
CA ASN B 93 -2.37 14.48 -2.96
C ASN B 93 -1.54 13.25 -2.64
N THR B 94 -1.02 12.56 -3.67
CA THR B 94 -0.30 11.31 -3.45
C THR B 94 1.01 11.25 -4.25
N GLN B 95 1.80 10.31 -3.76
N GLN B 95 2.00 10.47 -3.78
CA GLN B 95 2.97 9.79 -4.51
CA GLN B 95 2.98 9.82 -4.66
C GLN B 95 2.75 8.28 -4.62
C GLN B 95 2.67 8.30 -4.66
N TRP B 96 3.17 7.67 -5.72
CA TRP B 96 2.87 6.25 -5.89
C TRP B 96 4.10 5.51 -6.40
N LEU B 97 4.05 4.18 -6.11
CA LEU B 97 5.08 3.21 -6.55
C LEU B 97 4.39 2.07 -7.27
N LEU B 98 4.78 1.78 -8.51
N LEU B 98 4.72 1.83 -8.54
CA LEU B 98 4.20 0.68 -9.33
CA LEU B 98 4.19 0.67 -9.27
C LEU B 98 5.31 -0.36 -9.53
C LEU B 98 5.36 -0.30 -9.37
N THR B 99 5.15 -1.51 -8.82
CA THR B 99 6.14 -2.58 -8.94
C THR B 99 5.55 -3.68 -9.83
N SER B 100 6.36 -4.06 -10.84
CA SER B 100 6.08 -5.21 -11.68
C SER B 100 6.85 -6.39 -11.21
N GLY B 101 6.25 -7.61 -11.31
CA GLY B 101 7.03 -8.81 -11.03
C GLY B 101 8.15 -8.92 -12.08
N THR B 102 9.37 -9.20 -11.60
CA THR B 102 10.57 -9.30 -12.46
C THR B 102 11.39 -10.50 -11.98
N THR B 103 12.36 -10.87 -12.84
CA THR B 103 13.43 -11.71 -12.33
C THR B 103 14.29 -10.92 -11.34
N GLU B 104 15.15 -11.56 -10.59
CA GLU B 104 16.00 -10.89 -9.59
C GLU B 104 17.03 -10.02 -10.29
N ALA B 105 17.36 -10.38 -11.52
CA ALA B 105 18.48 -9.61 -12.01
C ALA B 105 17.99 -8.28 -12.63
N ASN B 106 16.69 -8.28 -13.08
CA ASN B 106 15.93 -7.10 -13.56
C ASN B 106 15.07 -6.36 -12.56
N ALA B 107 15.46 -6.72 -11.37
CA ALA B 107 14.68 -6.16 -10.34
C ALA B 107 15.08 -4.71 -10.23
N TRP B 108 16.25 -4.35 -10.76
CA TRP B 108 16.58 -2.95 -10.77
C TRP B 108 15.64 -2.00 -11.51
N LYS B 109 14.87 -2.55 -12.56
CA LYS B 109 13.92 -1.82 -13.37
C LYS B 109 12.46 -2.25 -13.06
N SER B 110 12.23 -2.68 -11.84
CA SER B 110 10.91 -3.16 -11.44
C SER B 110 9.93 -2.08 -11.00
N THR B 111 10.41 -0.89 -10.57
CA THR B 111 9.50 0.02 -9.83
C THR B 111 9.52 1.42 -10.44
N LEU B 112 8.34 1.82 -10.94
CA LEU B 112 8.09 3.18 -11.40
C LEU B 112 7.58 4.00 -10.19
N VAL B 113 7.88 5.33 -10.29
CA VAL B 113 7.39 6.28 -9.25
C VAL B 113 6.75 7.44 -9.95
N GLY B 114 5.69 8.01 -9.32
CA GLY B 114 5.07 9.18 -9.82
C GLY B 114 4.18 9.83 -8.79
N HIS B 115 3.35 10.75 -9.24
CA HIS B 115 2.46 11.50 -8.34
C HIS B 115 1.12 11.69 -8.97
N ASP B 116 0.05 11.47 -8.19
CA ASP B 116 -1.32 11.67 -8.64
C ASP B 116 -2.04 12.60 -7.67
N THR B 117 -2.81 13.53 -8.20
N THR B 117 -2.77 13.52 -8.32
CA THR B 117 -3.68 14.38 -7.35
CA THR B 117 -3.66 14.45 -7.62
C THR B 117 -5.13 14.17 -7.79
C THR B 117 -5.13 14.08 -7.86
N PHE B 118 -5.95 13.95 -6.81
CA PHE B 118 -7.34 13.57 -6.99
C PHE B 118 -8.26 14.70 -6.50
N THR B 119 -9.34 14.92 -7.25
CA THR B 119 -10.47 15.78 -6.81
C THR B 119 -11.76 15.02 -7.12
N LYS B 120 -12.89 15.55 -6.61
CA LYS B 120 -14.20 14.92 -6.92
C LYS B 120 -14.84 15.49 -8.19
N VAL B 121 -14.12 16.32 -8.93
CA VAL B 121 -14.66 16.92 -10.17
C VAL B 121 -14.56 15.93 -11.31
N LYS B 122 -15.69 15.59 -11.91
CA LYS B 122 -15.71 14.64 -13.03
C LYS B 122 -15.14 15.33 -14.26
N PRO B 123 -14.24 14.67 -14.99
CA PRO B 123 -13.93 15.29 -16.27
C PRO B 123 -15.16 15.23 -17.26
#